data_6BQU
#
_entry.id   6BQU
#
_cell.length_a   38.231
_cell.length_b   88.235
_cell.length_c   103.905
_cell.angle_alpha   90.00
_cell.angle_beta   90.00
_cell.angle_gamma   90.00
#
_symmetry.space_group_name_H-M   'P 21 21 21'
#
loop_
_entity.id
_entity.type
_entity.pdbx_description
1 polymer 'Glucocorticoid receptor'
2 polymer "DNA (5'-D(P*TP*GP*CP*AP*AP*AP*TP*GP*TP*AP*CP*TP*AP*GP*CP*T)-3')"
3 polymer "DNA (5'-D(P*AP*AP*GP*CP*TP*AP*GP*TP*AP*CP*AP*TP*TP*TP*GP*C)-3')"
4 non-polymer 'ZINC ION'
5 water water
#
loop_
_entity_poly.entity_id
_entity_poly.type
_entity_poly.pdbx_seq_one_letter_code
_entity_poly.pdbx_strand_id
1 'polypeptide(L)' HMCLVCSDEASGCHYGVLTCGSCKVFFKRAVEGQHNYLCAGRNDCIIDKIRRKNCPACRYRKCLQAGMNLEA B,A
2 'polydeoxyribonucleotide' (DT)(DG)(DC)(DA)(DA)(DA)(DT)(DG)(DT)(DA)(DC)(DT)(DA)(DG)(DC)(DT) C
3 'polydeoxyribonucleotide' (DA)(DA)(DG)(DC)(DT)(DA)(DG)(DT)(DA)(DC)(DA)(DT)(DT)(DT)(DG)(DC) D
#
# COMPACT_ATOMS: atom_id res chain seq x y z
N HIS A 1 -18.38 17.34 3.98
CA HIS A 1 -18.88 15.97 4.04
C HIS A 1 -17.85 14.96 3.55
N MET A 2 -17.14 15.29 2.47
CA MET A 2 -16.22 14.37 1.80
C MET A 2 -14.77 14.83 1.94
N CYS A 3 -13.91 13.95 2.44
CA CYS A 3 -12.49 14.22 2.48
C CYS A 3 -11.94 14.31 1.06
N LEU A 4 -11.31 15.43 0.74
CA LEU A 4 -10.82 15.63 -0.62
C LEU A 4 -9.57 14.82 -0.93
N VAL A 5 -9.08 14.02 0.02
CA VAL A 5 -7.92 13.16 -0.22
C VAL A 5 -8.36 11.70 -0.42
N CYS A 6 -9.14 11.15 0.52
CA CYS A 6 -9.48 9.73 0.50
C CYS A 6 -10.98 9.47 0.33
N SER A 7 -11.81 10.50 0.35
CA SER A 7 -13.26 10.41 0.23
C SER A 7 -13.94 9.83 1.47
N ASP A 8 -13.19 9.49 2.52
CA ASP A 8 -13.82 9.17 3.79
C ASP A 8 -14.58 10.38 4.31
N GLU A 9 -15.48 10.15 5.26
CA GLU A 9 -16.30 11.23 5.79
C GLU A 9 -15.40 12.30 6.40
N ALA A 10 -15.52 13.53 5.90
CA ALA A 10 -14.65 14.60 6.36
C ALA A 10 -14.90 14.92 7.83
N SER A 11 -13.82 15.31 8.51
CA SER A 11 -13.83 15.66 9.92
C SER A 11 -13.80 17.17 10.15
N GLY A 12 -13.62 17.95 9.09
CA GLY A 12 -13.46 19.39 9.22
C GLY A 12 -12.47 19.91 8.20
N CYS A 13 -12.17 21.20 8.27
CA CYS A 13 -11.21 21.82 7.36
C CYS A 13 -9.85 21.79 8.06
N HIS A 14 -9.03 20.81 7.71
CA HIS A 14 -7.75 20.59 8.36
C HIS A 14 -6.62 21.06 7.46
N TYR A 15 -5.82 22.01 7.94
CA TYR A 15 -4.65 22.48 7.22
C TYR A 15 -5.01 23.07 5.86
N GLY A 16 -6.17 23.70 5.78
CA GLY A 16 -6.62 24.36 4.57
C GLY A 16 -7.53 23.55 3.68
N VAL A 17 -7.79 22.29 4.00
CA VAL A 17 -8.54 21.41 3.13
C VAL A 17 -9.53 20.60 3.95
N LEU A 18 -10.75 20.47 3.43
CA LEU A 18 -11.73 19.57 4.00
C LEU A 18 -11.20 18.14 3.91
N THR A 19 -10.92 17.52 5.06
CA THR A 19 -10.32 16.20 5.09
C THR A 19 -10.86 15.41 6.27
N CYS A 20 -10.60 14.10 6.25
CA CYS A 20 -10.96 13.23 7.36
C CYS A 20 -9.90 13.31 8.46
N GLY A 21 -10.23 12.71 9.61
CA GLY A 21 -9.30 12.73 10.73
C GLY A 21 -8.00 11.99 10.42
N SER A 22 -8.09 10.87 9.70
CA SER A 22 -6.90 10.07 9.43
C SER A 22 -5.95 10.78 8.48
N CYS A 23 -6.49 11.55 7.53
CA CYS A 23 -5.63 12.28 6.60
C CYS A 23 -5.00 13.49 7.28
N LYS A 24 -5.71 14.13 8.21
CA LYS A 24 -5.13 15.23 8.97
C LYS A 24 -3.87 14.79 9.70
N VAL A 25 -3.99 13.74 10.53
CA VAL A 25 -2.83 13.28 11.29
C VAL A 25 -1.77 12.75 10.36
N PHE A 26 -2.19 12.11 9.26
CA PHE A 26 -1.22 11.56 8.32
C PHE A 26 -0.38 12.65 7.66
N PHE A 27 -1.01 13.78 7.33
CA PHE A 27 -0.28 14.84 6.66
C PHE A 27 0.77 15.43 7.58
N LYS A 28 0.39 15.73 8.82
CA LYS A 28 1.36 16.31 9.74
C LYS A 28 2.51 15.34 9.98
N ARG A 29 2.21 14.06 10.15
CA ARG A 29 3.28 13.08 10.34
C ARG A 29 4.16 12.96 9.11
N ALA A 30 3.59 13.10 7.90
CA ALA A 30 4.37 13.02 6.69
C ALA A 30 5.32 14.22 6.57
N VAL A 31 4.85 15.40 6.93
CA VAL A 31 5.68 16.60 6.84
C VAL A 31 6.79 16.56 7.88
N GLU A 32 6.42 16.33 9.14
CA GLU A 32 7.36 16.45 10.24
C GLU A 32 8.08 15.16 10.57
N GLY A 33 7.70 14.05 9.95
CA GLY A 33 8.30 12.77 10.26
C GLY A 33 9.22 12.28 9.16
N GLN A 34 10.10 11.34 9.50
CA GLN A 34 10.94 10.67 8.53
C GLN A 34 10.19 9.45 8.03
N HIS A 35 10.03 9.35 6.71
CA HIS A 35 9.34 8.21 6.13
C HIS A 35 10.05 7.79 4.85
N ASN A 36 10.00 6.50 4.57
CA ASN A 36 10.56 5.93 3.37
C ASN A 36 9.47 5.58 2.37
N TYR A 37 8.55 6.52 2.15
CA TYR A 37 7.43 6.28 1.25
C TYR A 37 7.93 6.16 -0.18
N LEU A 38 7.62 5.04 -0.82
CA LEU A 38 7.94 4.82 -2.22
C LEU A 38 6.74 4.20 -2.91
N CYS A 39 6.30 4.83 -3.99
CA CYS A 39 5.18 4.31 -4.77
C CYS A 39 5.62 3.08 -5.55
N ALA A 40 4.70 2.14 -5.71
CA ALA A 40 4.96 0.90 -6.42
C ALA A 40 4.34 0.88 -7.80
N GLY A 41 3.72 1.98 -8.22
CA GLY A 41 3.11 2.09 -9.53
C GLY A 41 3.76 3.15 -10.38
N ARG A 42 3.12 4.32 -10.49
CA ARG A 42 3.57 5.37 -11.40
C ARG A 42 3.36 6.76 -10.81
N ASN A 43 3.50 6.89 -9.49
CA ASN A 43 3.26 8.17 -8.79
C ASN A 43 1.89 8.74 -9.14
N ASP A 44 0.89 7.85 -9.25
CA ASP A 44 -0.41 8.23 -9.78
C ASP A 44 -1.53 7.36 -9.20
N CYS A 45 -1.36 6.89 -7.97
CA CYS A 45 -2.29 5.91 -7.41
C CYS A 45 -3.64 6.54 -7.06
N ILE A 46 -4.67 5.69 -7.10
CA ILE A 46 -5.99 6.03 -6.59
C ILE A 46 -5.95 6.01 -5.07
N ILE A 47 -6.45 7.09 -4.46
CA ILE A 47 -6.51 7.21 -3.00
C ILE A 47 -7.98 7.30 -2.61
N ASP A 48 -8.51 6.21 -2.05
CA ASP A 48 -9.84 6.22 -1.45
C ASP A 48 -9.74 5.62 -0.05
N LYS A 49 -10.89 5.45 0.63
CA LYS A 49 -10.86 5.05 2.03
C LYS A 49 -10.05 3.76 2.23
N ILE A 50 -10.15 2.83 1.28
CA ILE A 50 -9.42 1.58 1.41
C ILE A 50 -7.97 1.75 0.96
N ARG A 51 -7.78 2.20 -0.27
CA ARG A 51 -6.46 2.21 -0.90
C ARG A 51 -5.54 3.28 -0.34
N ARG A 52 -5.97 4.08 0.64
CA ARG A 52 -5.10 5.12 1.18
C ARG A 52 -3.91 4.52 1.92
N LYS A 53 -4.08 3.35 2.53
CA LYS A 53 -2.96 2.65 3.16
C LYS A 53 -1.98 2.11 2.12
N ASN A 54 -2.46 1.77 0.93
CA ASN A 54 -1.61 1.14 -0.07
C ASN A 54 -0.38 1.98 -0.37
N CYS A 55 -0.58 3.26 -0.67
CA CYS A 55 0.50 4.11 -1.18
C CYS A 55 0.55 5.43 -0.43
N PRO A 56 1.25 5.49 0.70
CA PRO A 56 1.39 6.79 1.40
C PRO A 56 2.07 7.85 0.55
N ALA A 57 3.01 7.47 -0.32
CA ALA A 57 3.67 8.44 -1.19
C ALA A 57 2.66 9.18 -2.05
N CYS A 58 1.75 8.45 -2.70
CA CYS A 58 0.72 9.09 -3.49
C CYS A 58 -0.30 9.79 -2.60
N ARG A 59 -0.53 9.26 -1.40
CA ARG A 59 -1.43 9.91 -0.46
C ARG A 59 -0.88 11.27 -0.06
N TYR A 60 0.39 11.31 0.33
CA TYR A 60 1.05 12.57 0.63
C TYR A 60 1.05 13.48 -0.58
N ARG A 61 1.23 12.91 -1.78
CA ARG A 61 1.16 13.71 -3.00
C ARG A 61 -0.23 14.34 -3.16
N LYS A 62 -1.28 13.54 -3.02
CA LYS A 62 -2.63 14.06 -3.15
C LYS A 62 -2.92 15.11 -2.08
N CYS A 63 -2.38 14.93 -0.88
CA CYS A 63 -2.52 15.93 0.17
C CYS A 63 -2.01 17.29 -0.32
N LEU A 64 -0.75 17.33 -0.76
CA LEU A 64 -0.18 18.58 -1.24
C LEU A 64 -0.96 19.12 -2.44
N GLN A 65 -1.37 18.24 -3.36
CA GLN A 65 -2.11 18.69 -4.53
C GLN A 65 -3.43 19.35 -4.13
N ALA A 66 -4.06 18.85 -3.07
CA ALA A 66 -5.29 19.46 -2.58
C ALA A 66 -5.06 20.80 -1.92
N GLY A 67 -3.79 21.17 -1.68
CA GLY A 67 -3.46 22.43 -1.05
C GLY A 67 -3.18 22.38 0.44
N MET A 68 -2.96 21.21 1.01
CA MET A 68 -2.74 21.13 2.45
C MET A 68 -1.42 21.79 2.81
N ASN A 69 -1.39 22.43 3.98
CA ASN A 69 -0.23 23.19 4.43
C ASN A 69 -0.35 23.39 5.93
N LEU A 70 0.80 23.42 6.61
CA LEU A 70 0.82 23.57 8.06
C LEU A 70 0.80 25.04 8.48
N GLU A 71 0.15 25.89 7.69
CA GLU A 71 0.09 27.31 7.98
C GLU A 71 -1.26 27.87 7.51
N ALA A 72 -1.43 29.18 7.68
CA ALA A 72 -2.66 29.86 7.26
C ALA A 72 -2.40 31.33 6.96
N HIS D 1 18.48 -18.71 -3.00
CA HIS D 1 18.85 -17.35 -2.64
C HIS D 1 17.64 -16.41 -2.59
N MET D 2 16.97 -16.23 -3.72
CA MET D 2 16.00 -15.14 -3.91
C MET D 2 14.56 -15.64 -3.86
N CYS D 3 13.69 -14.81 -3.26
CA CYS D 3 12.26 -15.06 -3.23
C CYS D 3 11.67 -14.77 -4.60
N LEU D 4 10.87 -15.71 -5.13
CA LEU D 4 10.29 -15.53 -6.45
C LEU D 4 9.15 -14.52 -6.47
N VAL D 5 8.69 -14.07 -5.31
CA VAL D 5 7.58 -13.13 -5.24
C VAL D 5 8.10 -11.70 -5.13
N CYS D 6 8.91 -11.43 -4.12
CA CYS D 6 9.37 -10.08 -3.86
C CYS D 6 10.87 -9.89 -4.06
N SER D 7 11.64 -10.96 -4.18
CA SER D 7 13.08 -10.94 -4.46
C SER D 7 13.91 -10.68 -3.21
N ASP D 8 13.33 -10.78 -2.02
CA ASP D 8 14.11 -10.72 -0.78
C ASP D 8 14.95 -12.01 -0.66
N GLU D 9 15.70 -12.12 0.44
CA GLU D 9 16.44 -13.34 0.72
C GLU D 9 15.45 -14.45 1.06
N ALA D 10 15.30 -15.42 0.16
CA ALA D 10 14.43 -16.55 0.41
C ALA D 10 14.88 -17.29 1.66
N SER D 11 13.89 -17.81 2.42
CA SER D 11 14.17 -18.60 3.61
C SER D 11 13.80 -20.06 3.43
N GLY D 12 13.57 -20.50 2.20
CA GLY D 12 13.19 -21.88 1.95
C GLY D 12 12.13 -21.98 0.86
N CYS D 13 11.70 -23.21 0.59
CA CYS D 13 10.66 -23.45 -0.41
C CYS D 13 9.32 -23.59 0.32
N HIS D 14 8.49 -22.57 0.23
CA HIS D 14 7.24 -22.52 0.98
C HIS D 14 6.06 -22.59 0.04
N TYR D 15 5.16 -23.55 0.29
CA TYR D 15 3.95 -23.74 -0.51
C TYR D 15 4.30 -23.97 -1.98
N GLY D 16 5.38 -24.70 -2.22
CA GLY D 16 5.78 -25.07 -3.56
C GLY D 16 6.72 -24.10 -4.24
N VAL D 17 7.04 -22.97 -3.63
CA VAL D 17 7.83 -21.94 -4.29
C VAL D 17 8.89 -21.42 -3.33
N LEU D 18 10.09 -21.18 -3.86
CA LEU D 18 11.14 -20.52 -3.10
C LEU D 18 10.69 -19.10 -2.76
N THR D 19 10.51 -18.80 -1.47
CA THR D 19 9.93 -17.52 -1.06
C THR D 19 10.56 -17.05 0.25
N CYS D 20 10.51 -15.74 0.45
CA CYS D 20 11.01 -15.15 1.68
C CYS D 20 10.09 -15.49 2.84
N GLY D 21 10.48 -15.06 4.04
CA GLY D 21 9.68 -15.34 5.22
C GLY D 21 8.33 -14.65 5.20
N SER D 22 8.29 -13.37 4.81
CA SER D 22 7.05 -12.62 4.91
C SER D 22 6.09 -12.97 3.78
N CYS D 23 6.60 -13.33 2.60
CA CYS D 23 5.73 -13.84 1.56
C CYS D 23 5.11 -15.17 1.96
N LYS D 24 5.86 -15.99 2.72
CA LYS D 24 5.30 -17.23 3.25
C LYS D 24 4.09 -16.95 4.12
N VAL D 25 4.26 -16.08 5.13
CA VAL D 25 3.16 -15.71 6.00
C VAL D 25 2.05 -15.04 5.20
N PHE D 26 2.41 -14.11 4.32
CA PHE D 26 1.40 -13.37 3.57
C PHE D 26 0.50 -14.30 2.77
N PHE D 27 1.10 -15.23 2.04
CA PHE D 27 0.28 -16.13 1.22
C PHE D 27 -0.60 -17.01 2.10
N LYS D 28 -0.08 -17.47 3.23
CA LYS D 28 -0.89 -18.28 4.12
C LYS D 28 -2.13 -17.52 4.56
N ARG D 29 -1.95 -16.26 4.97
CA ARG D 29 -3.09 -15.45 5.37
C ARG D 29 -4.04 -15.21 4.20
N ALA D 30 -3.49 -15.05 3.00
CA ALA D 30 -4.32 -14.69 1.85
C ALA D 30 -5.22 -15.84 1.41
N VAL D 31 -4.67 -17.05 1.31
CA VAL D 31 -5.51 -18.18 0.89
C VAL D 31 -6.47 -18.57 1.99
N GLU D 32 -6.09 -18.37 3.25
CA GLU D 32 -6.90 -18.90 4.35
C GLU D 32 -8.20 -18.11 4.50
N GLY D 33 -8.14 -16.80 4.40
CA GLY D 33 -9.33 -15.99 4.59
C GLY D 33 -9.66 -15.16 3.37
N GLN D 34 -10.23 -13.99 3.58
CA GLN D 34 -10.49 -13.08 2.48
C GLN D 34 -9.18 -12.57 1.90
N HIS D 35 -9.11 -12.56 0.57
CA HIS D 35 -8.08 -11.83 -0.17
C HIS D 35 -8.75 -10.93 -1.20
N ASN D 36 -9.80 -10.22 -0.78
CA ASN D 36 -10.47 -9.24 -1.63
C ASN D 36 -9.71 -7.91 -1.61
N TYR D 37 -8.44 -7.99 -1.98
CA TYR D 37 -7.57 -6.82 -1.99
C TYR D 37 -7.84 -5.98 -3.24
N LEU D 38 -7.64 -4.68 -3.11
CA LEU D 38 -7.85 -3.73 -4.20
C LEU D 38 -6.55 -3.01 -4.52
N CYS D 39 -6.12 -3.11 -5.78
CA CYS D 39 -4.93 -2.43 -6.25
C CYS D 39 -5.22 -0.95 -6.49
N ALA D 40 -4.28 -0.09 -6.13
CA ALA D 40 -4.44 1.35 -6.35
C ALA D 40 -3.80 1.82 -7.64
N GLY D 41 -2.95 0.99 -8.24
CA GLY D 41 -2.33 1.32 -9.51
C GLY D 41 -3.05 0.64 -10.66
N ARG D 42 -2.31 -0.02 -11.54
CA ARG D 42 -2.87 -0.63 -12.74
C ARG D 42 -2.65 -2.14 -12.73
N ASN D 43 -2.72 -2.74 -11.54
CA ASN D 43 -2.60 -4.18 -11.38
C ASN D 43 -1.24 -4.70 -11.84
N ASP D 44 -0.22 -3.87 -11.75
CA ASP D 44 1.12 -4.27 -12.14
C ASP D 44 2.15 -3.64 -11.21
N CYS D 45 1.82 -3.54 -9.93
CA CYS D 45 2.70 -2.85 -9.00
C CYS D 45 3.99 -3.63 -8.80
N ILE D 46 5.09 -2.90 -8.63
CA ILE D 46 6.39 -3.50 -8.39
C ILE D 46 6.43 -4.09 -6.98
N ILE D 47 6.68 -5.39 -6.89
CA ILE D 47 6.72 -6.11 -5.63
C ILE D 47 8.17 -6.43 -5.27
N ASP D 48 8.85 -5.52 -4.57
CA ASP D 48 10.19 -5.76 -4.06
C ASP D 48 10.17 -5.73 -2.54
N LYS D 49 11.35 -5.85 -1.92
CA LYS D 49 11.42 -6.03 -0.48
C LYS D 49 10.71 -4.92 0.26
N ILE D 50 10.81 -3.69 -0.25
CA ILE D 50 10.23 -2.55 0.45
C ILE D 50 8.80 -2.27 -0.01
N ARG D 51 8.52 -2.39 -1.30
CA ARG D 51 7.21 -2.04 -1.84
C ARG D 51 6.20 -3.18 -1.76
N ARG D 52 6.60 -4.37 -1.33
CA ARG D 52 5.67 -5.50 -1.28
C ARG D 52 4.51 -5.24 -0.34
N LYS D 53 4.69 -4.34 0.63
CA LYS D 53 3.60 -4.00 1.53
C LYS D 53 2.54 -3.16 0.85
N ASN D 54 2.92 -2.42 -0.20
CA ASN D 54 2.00 -1.43 -0.77
C ASN D 54 0.73 -2.07 -1.32
N CYS D 55 0.85 -3.21 -2.02
CA CYS D 55 -0.27 -3.75 -2.78
C CYS D 55 -0.46 -5.23 -2.55
N PRO D 56 -1.25 -5.60 -1.53
CA PRO D 56 -1.58 -7.01 -1.34
C PRO D 56 -2.18 -7.65 -2.58
N ALA D 57 -2.95 -6.90 -3.36
CA ALA D 57 -3.57 -7.47 -4.55
C ALA D 57 -2.51 -7.94 -5.54
N CYS D 58 -1.60 -7.06 -5.92
CA CYS D 58 -0.55 -7.46 -6.87
C CYS D 58 0.37 -8.51 -6.27
N ARG D 59 0.54 -8.52 -4.94
CA ARG D 59 1.45 -9.46 -4.31
C ARG D 59 0.84 -10.86 -4.29
N TYR D 60 -0.44 -10.95 -3.93
CA TYR D 60 -1.13 -12.22 -4.02
C TYR D 60 -1.20 -12.71 -5.46
N ARG D 61 -1.26 -11.78 -6.41
CA ARG D 61 -1.24 -12.16 -7.83
C ARG D 61 0.08 -12.80 -8.18
N LYS D 62 1.19 -12.20 -7.75
CA LYS D 62 2.51 -12.78 -8.01
C LYS D 62 2.66 -14.13 -7.30
N CYS D 63 2.12 -14.23 -6.08
CA CYS D 63 2.12 -15.52 -5.39
C CYS D 63 1.51 -16.61 -6.24
N LEU D 64 0.34 -16.33 -6.84
CA LEU D 64 -0.31 -17.31 -7.70
C LEU D 64 0.49 -17.53 -8.98
N GLN D 65 0.95 -16.45 -9.61
CA GLN D 65 1.79 -16.60 -10.79
C GLN D 65 2.97 -17.53 -10.51
N ALA D 66 3.60 -17.36 -9.35
CA ALA D 66 4.75 -18.20 -9.02
C ALA D 66 4.35 -19.65 -8.78
N GLY D 67 3.08 -19.91 -8.50
CA GLY D 67 2.61 -21.26 -8.33
C GLY D 67 2.33 -21.70 -6.91
N MET D 68 2.28 -20.77 -5.95
CA MET D 68 2.07 -21.16 -4.57
C MET D 68 0.69 -21.79 -4.39
N ASN D 69 0.62 -22.82 -3.55
CA ASN D 69 -0.62 -23.56 -3.35
C ASN D 69 -0.49 -24.36 -2.05
N LEU D 70 -1.39 -25.32 -1.85
CA LEU D 70 -1.41 -26.09 -0.62
C LEU D 70 -0.98 -27.54 -0.85
N GLU D 71 0.17 -27.73 -1.48
CA GLU D 71 0.75 -29.06 -1.65
C GLU D 71 2.27 -29.00 -1.47
#